data_3BFQ
#
_entry.id   3BFQ
#
_cell.length_a   48.050
_cell.length_b   24.500
_cell.length_c   54.150
_cell.angle_alpha   90.00
_cell.angle_beta   113.77
_cell.angle_gamma   90.00
#
_symmetry.space_group_name_H-M   'P 1 21 1'
#
loop_
_entity.id
_entity.type
_entity.pdbx_description
1 polymer 'Protein fimG'
2 polymer 'Protein fimF'
3 non-polymer 'COBALT (II) ION'
4 water water
#
loop_
_entity_poly.entity_id
_entity_poly.type
_entity_poly.pdbx_seq_one_letter_code
_entity_poly.pdbx_strand_id
1 'polypeptide(L)'
;AKPCTVSTTNATVDLGDLYSFSLMSAGAASAWHDVALELTNCPVGTSRVTASFSGAADSTGYYKNQGTAQNIQLELQDDS
GNTLNTGATKTVQVDDSSQSAHFPLQVRALTVNGGATQGTIQAVISITYTYS
;
G
2 'polypeptide(L)' ADSTITIRGYVRDNR F
#
loop_
_chem_comp.id
_chem_comp.type
_chem_comp.name
_chem_comp.formula
CO non-polymer 'COBALT (II) ION' 'Co 2'
#
# COMPACT_ATOMS: atom_id res chain seq x y z
N ALA A 1 22.49 -12.80 -0.80
CA ALA A 1 21.86 -13.82 -1.63
C ALA A 1 21.36 -13.23 -2.96
N LYS A 2 21.20 -14.12 -3.93
CA LYS A 2 20.82 -13.71 -5.28
C LYS A 2 19.35 -13.26 -5.32
N PRO A 3 19.02 -12.27 -6.14
CA PRO A 3 17.66 -11.79 -6.25
C PRO A 3 16.72 -12.75 -6.99
N CYS A 4 15.46 -12.69 -6.58
CA CYS A 4 14.35 -13.31 -7.28
C CYS A 4 13.94 -12.46 -8.47
N THR A 5 13.12 -12.99 -9.35
CA THR A 5 12.46 -12.20 -10.36
C THR A 5 11.24 -11.50 -9.80
N VAL A 6 11.10 -10.20 -10.08
CA VAL A 6 9.92 -9.49 -9.59
C VAL A 6 8.77 -9.63 -10.58
N SER A 7 7.73 -10.40 -10.26
CA SER A 7 6.60 -10.62 -11.18
C SER A 7 5.67 -9.41 -11.16
N THR A 8 5.46 -8.81 -9.99
CA THR A 8 4.58 -7.67 -9.83
C THR A 8 5.32 -6.34 -9.94
N THR A 9 5.51 -5.82 -11.16
CA THR A 9 6.09 -4.50 -11.33
C THR A 9 5.16 -3.39 -10.85
N ASN A 10 3.88 -3.58 -11.22
CA ASN A 10 2.80 -2.62 -11.04
C ASN A 10 1.66 -3.29 -10.29
N ALA A 11 1.06 -2.61 -9.34
CA ALA A 11 -0.14 -3.08 -8.68
C ALA A 11 -1.00 -1.88 -8.37
N THR A 12 -2.22 -1.78 -8.90
CA THR A 12 -3.15 -0.70 -8.67
C THR A 12 -4.23 -1.13 -7.67
N VAL A 13 -4.52 -0.26 -6.71
CA VAL A 13 -5.66 -0.40 -5.83
C VAL A 13 -6.70 0.63 -6.19
N ASP A 14 -7.89 0.20 -6.62
CA ASP A 14 -8.95 1.15 -6.93
C ASP A 14 -9.90 1.20 -5.74
N LEU A 15 -9.86 2.29 -5.01
CA LEU A 15 -10.69 2.49 -3.82
C LEU A 15 -12.11 2.90 -4.22
N GLY A 16 -12.34 3.25 -5.49
CA GLY A 16 -13.69 3.66 -5.89
C GLY A 16 -14.03 5.05 -5.38
N ASP A 17 -15.32 5.32 -5.27
CA ASP A 17 -15.83 6.60 -4.87
C ASP A 17 -16.21 6.57 -3.38
N LEU A 18 -15.67 7.54 -2.69
CA LEU A 18 -16.00 7.73 -1.29
C LEU A 18 -16.80 9.02 -1.23
N TYR A 19 -17.60 9.23 -0.21
CA TYR A 19 -18.44 10.42 -0.15
C TYR A 19 -18.04 11.29 1.04
N SER A 20 -17.88 12.60 0.81
CA SER A 20 -17.52 13.51 1.88
C SER A 20 -18.52 13.41 3.04
N PHE A 21 -19.78 13.24 2.70
CA PHE A 21 -20.83 13.05 3.71
C PHE A 21 -20.46 11.94 4.68
N SER A 22 -20.00 10.82 4.10
CA SER A 22 -19.62 9.64 4.87
C SER A 22 -18.29 9.77 5.60
N LEU A 23 -17.45 10.74 5.20
CA LEU A 23 -16.13 10.91 5.76
C LEU A 23 -16.03 12.18 6.61
N MET A 24 -17.15 12.56 7.21
CA MET A 24 -17.15 13.72 8.07
C MET A 24 -16.42 13.51 9.38
N SER A 25 -16.62 12.31 9.93
CA SER A 25 -16.11 12.05 11.27
C SER A 25 -14.71 11.51 11.27
N ALA A 26 -13.90 11.88 12.27
CA ALA A 26 -12.56 11.33 12.34
C ALA A 26 -12.60 9.78 12.37
N GLY A 27 -11.65 9.19 11.66
CA GLY A 27 -11.44 7.75 11.61
C GLY A 27 -12.29 7.09 10.55
N ALA A 28 -13.18 7.82 9.90
CA ALA A 28 -14.00 7.25 8.83
C ALA A 28 -13.09 6.73 7.72
N ALA A 29 -13.42 5.64 7.07
CA ALA A 29 -12.46 5.01 6.18
C ALA A 29 -13.15 4.15 5.14
N SER A 30 -12.42 3.92 4.04
CA SER A 30 -12.92 2.93 3.09
C SER A 30 -12.71 1.52 3.63
N ALA A 31 -13.30 0.54 2.97
CA ALA A 31 -12.91 -0.84 3.18
C ALA A 31 -11.45 -1.07 2.81
N TRP A 32 -10.89 -2.12 3.36
CA TRP A 32 -9.60 -2.63 2.97
C TRP A 32 -9.65 -3.30 1.61
N HIS A 33 -8.60 -3.08 0.84
CA HIS A 33 -8.48 -3.64 -0.49
C HIS A 33 -7.20 -4.45 -0.59
N ASP A 34 -7.26 -5.70 -1.00
CA ASP A 34 -6.06 -6.52 -1.10
C ASP A 34 -5.16 -6.10 -2.24
N VAL A 35 -3.84 -6.19 -1.99
CA VAL A 35 -2.87 -6.00 -3.06
C VAL A 35 -1.74 -6.95 -2.78
N ALA A 36 -1.28 -7.65 -3.80
CA ALA A 36 -0.24 -8.65 -3.61
C ALA A 36 1.01 -8.27 -4.37
N LEU A 37 2.15 -8.50 -3.74
CA LEU A 37 3.43 -8.41 -4.45
C LEU A 37 4.06 -9.78 -4.61
N GLU A 38 4.45 -10.17 -5.80
CA GLU A 38 4.90 -11.54 -6.04
C GLU A 38 6.31 -11.57 -6.60
N LEU A 39 7.10 -12.49 -6.11
CA LEU A 39 8.44 -12.75 -6.64
C LEU A 39 8.51 -14.22 -7.02
N THR A 40 9.24 -14.51 -8.08
CA THR A 40 9.30 -15.87 -8.62
C THR A 40 10.74 -16.25 -8.94
N ASN A 41 10.95 -17.53 -9.23
CA ASN A 41 12.26 -18.05 -9.63
C ASN A 41 13.36 -17.58 -8.68
N CYS A 42 13.09 -17.70 -7.38
CA CYS A 42 14.15 -17.33 -6.41
C CYS A 42 15.32 -18.27 -6.51
N PRO A 43 16.55 -17.82 -6.60
CA PRO A 43 17.66 -18.79 -6.64
C PRO A 43 17.71 -19.64 -5.38
N VAL A 44 18.18 -20.87 -5.56
CA VAL A 44 18.57 -21.65 -4.41
C VAL A 44 19.60 -20.84 -3.62
N GLY A 45 19.41 -20.84 -2.31
CA GLY A 45 20.31 -20.09 -1.44
C GLY A 45 19.60 -18.80 -1.00
N THR A 46 18.51 -18.44 -1.67
CA THR A 46 17.66 -17.28 -1.29
C THR A 46 16.46 -17.80 -0.54
N SER A 47 16.41 -17.49 0.75
CA SER A 47 15.32 -18.03 1.56
C SER A 47 14.38 -17.02 2.18
N ARG A 48 14.79 -15.76 2.18
CA ARG A 48 14.03 -14.65 2.71
C ARG A 48 14.10 -13.43 1.81
N VAL A 49 12.96 -12.76 1.71
CA VAL A 49 12.85 -11.54 0.94
C VAL A 49 12.32 -10.44 1.87
N THR A 50 13.03 -9.32 1.84
CA THR A 50 12.60 -8.16 2.62
C THR A 50 12.11 -7.06 1.67
N ALA A 51 10.91 -6.57 1.91
CA ALA A 51 10.37 -5.42 1.16
C ALA A 51 10.54 -4.15 2.00
N SER A 52 11.06 -3.09 1.41
CA SER A 52 11.19 -1.77 2.02
C SER A 52 10.24 -0.82 1.32
N PHE A 53 9.38 -0.17 2.11
CA PHE A 53 8.31 0.67 1.55
C PHE A 53 8.65 2.14 1.65
N SER A 54 8.41 2.92 0.58
CA SER A 54 8.64 4.36 0.66
C SER A 54 7.55 5.13 -0.09
N GLY A 55 7.05 6.19 0.53
CA GLY A 55 6.11 7.07 -0.12
C GLY A 55 5.96 8.31 0.76
N ALA A 56 5.39 9.38 0.22
CA ALA A 56 5.26 10.60 1.01
C ALA A 56 4.30 10.42 2.16
N ALA A 57 4.68 10.85 3.35
CA ALA A 57 3.83 10.79 4.51
C ALA A 57 3.36 12.19 4.87
N ASP A 58 2.17 12.28 5.49
CA ASP A 58 1.81 13.58 6.04
C ASP A 58 1.98 13.61 7.56
N SER A 59 1.50 14.66 8.21
CA SER A 59 1.79 14.80 9.65
C SER A 59 1.03 13.80 10.49
N THR A 60 0.10 13.06 9.90
CA THR A 60 -0.55 11.98 10.64
C THR A 60 0.30 10.70 10.74
N GLY A 61 1.36 10.62 9.97
CA GLY A 61 2.19 9.47 9.84
C GLY A 61 1.82 8.56 8.67
N TYR A 62 0.55 8.58 8.27
CA TYR A 62 0.07 7.74 7.17
C TYR A 62 0.53 8.34 5.85
N TYR A 63 0.29 7.65 4.73
CA TYR A 63 0.69 8.19 3.45
C TYR A 63 -0.21 9.36 3.02
N LYS A 64 0.47 10.38 2.53
CA LYS A 64 -0.20 11.59 2.06
C LYS A 64 -1.07 11.31 0.84
N ASN A 65 -2.26 11.90 0.80
CA ASN A 65 -2.99 11.91 -0.49
C ASN A 65 -2.30 12.89 -1.44
N GLN A 66 -1.91 12.38 -2.60
CA GLN A 66 -1.28 13.19 -3.63
C GLN A 66 -2.28 13.55 -4.74
N GLY A 67 -3.53 13.29 -4.49
CA GLY A 67 -4.60 13.84 -5.28
C GLY A 67 -5.12 15.12 -4.70
N THR A 68 -6.28 15.62 -5.11
CA THR A 68 -6.76 16.94 -4.71
C THR A 68 -7.68 16.89 -3.51
N ALA A 69 -8.23 15.72 -3.13
CA ALA A 69 -9.04 15.65 -1.92
C ALA A 69 -8.19 15.99 -0.68
N GLN A 70 -8.72 16.80 0.22
CA GLN A 70 -8.01 17.14 1.45
C GLN A 70 -8.52 16.33 2.62
N ASN A 71 -7.68 16.27 3.68
CA ASN A 71 -8.05 15.60 4.91
C ASN A 71 -8.40 14.14 4.67
N ILE A 72 -7.59 13.53 3.84
CA ILE A 72 -7.66 12.07 3.66
C ILE A 72 -6.23 11.58 3.49
N GLN A 73 -6.00 10.40 4.04
CA GLN A 73 -4.73 9.72 4.03
C GLN A 73 -4.87 8.30 3.48
N LEU A 74 -3.75 7.67 3.17
CA LEU A 74 -3.80 6.25 2.72
C LEU A 74 -3.05 5.41 3.74
N GLU A 75 -3.54 4.22 3.99
CA GLU A 75 -2.90 3.30 4.92
C GLU A 75 -2.58 1.98 4.24
N LEU A 76 -1.38 1.49 4.39
CA LEU A 76 -0.91 0.19 3.94
C LEU A 76 -0.70 -0.71 5.15
N GLN A 77 -1.24 -1.90 5.18
CA GLN A 77 -1.00 -2.91 6.21
C GLN A 77 -0.56 -4.22 5.57
N ASP A 78 0.08 -5.08 6.38
CA ASP A 78 0.22 -6.46 5.96
C ASP A 78 -1.07 -7.23 6.18
N ASP A 79 -0.97 -8.54 5.94
CA ASP A 79 -2.06 -9.50 6.08
C ASP A 79 -2.49 -9.66 7.52
N SER A 80 -1.69 -9.24 8.47
CA SER A 80 -1.92 -9.53 9.89
C SER A 80 -2.30 -8.29 10.66
N GLY A 81 -2.65 -7.21 9.95
CA GLY A 81 -3.08 -6.00 10.66
C GLY A 81 -1.99 -5.04 11.05
N ASN A 82 -0.78 -5.25 10.55
CA ASN A 82 0.32 -4.37 10.97
C ASN A 82 0.53 -3.25 9.95
N THR A 83 0.47 -2.02 10.44
CA THR A 83 0.70 -0.84 9.65
C THR A 83 2.10 -0.80 9.10
N LEU A 84 2.23 -0.47 7.80
CA LEU A 84 3.50 -0.35 7.11
C LEU A 84 3.65 1.06 6.58
N ASN A 85 3.84 2.01 7.44
CA ASN A 85 4.06 3.41 7.02
C ASN A 85 5.40 3.56 6.36
N THR A 86 5.66 4.73 5.78
CA THR A 86 6.92 4.85 4.99
C THR A 86 8.13 4.54 5.84
N GLY A 87 9.08 3.85 5.22
CA GLY A 87 10.26 3.40 5.96
C GLY A 87 10.09 2.03 6.56
N ALA A 88 8.89 1.46 6.60
CA ALA A 88 8.75 0.14 7.19
C ALA A 88 9.37 -0.91 6.27
N THR A 89 9.68 -2.04 6.91
CA THR A 89 10.11 -3.20 6.13
C THR A 89 9.27 -4.40 6.57
N LYS A 90 9.20 -5.36 5.67
CA LYS A 90 8.55 -6.63 5.95
C LYS A 90 9.32 -7.77 5.34
N THR A 91 9.52 -8.87 6.08
CA THR A 91 10.31 -9.98 5.55
C THR A 91 9.44 -11.21 5.46
N VAL A 92 9.49 -11.92 4.36
CA VAL A 92 8.77 -13.18 4.23
C VAL A 92 9.71 -14.31 3.84
N GLN A 93 9.22 -15.55 4.13
CA GLN A 93 10.05 -16.69 3.74
C GLN A 93 9.77 -17.10 2.32
N VAL A 94 10.80 -17.41 1.55
CA VAL A 94 10.65 -18.06 0.27
C VAL A 94 10.03 -19.44 0.44
N ASP A 95 9.03 -19.75 -0.37
CA ASP A 95 8.42 -21.07 -0.39
C ASP A 95 9.31 -21.98 -1.24
N ASP A 96 9.98 -22.93 -0.61
CA ASP A 96 10.97 -23.70 -1.34
C ASP A 96 10.33 -24.71 -2.29
N SER A 97 9.03 -24.96 -2.18
CA SER A 97 8.44 -25.88 -3.16
C SER A 97 8.26 -25.17 -4.50
N SER A 98 8.15 -23.84 -4.53
CA SER A 98 8.02 -23.15 -5.81
C SER A 98 9.10 -22.10 -6.07
N GLN A 99 9.95 -21.84 -5.06
CA GLN A 99 10.98 -20.82 -5.12
C GLN A 99 10.35 -19.47 -5.41
N SER A 100 9.25 -19.21 -4.73
CA SER A 100 8.55 -17.93 -4.91
C SER A 100 8.29 -17.33 -3.54
N ALA A 101 8.02 -16.03 -3.55
CA ALA A 101 7.74 -15.26 -2.36
C ALA A 101 6.57 -14.33 -2.62
N HIS A 102 5.75 -14.12 -1.59
CA HIS A 102 4.64 -13.20 -1.76
C HIS A 102 4.40 -12.38 -0.50
N PHE A 103 3.93 -11.17 -0.85
CA PHE A 103 3.56 -10.18 0.17
C PHE A 103 2.07 -9.91 0.03
N PRO A 104 1.22 -10.54 0.81
CA PRO A 104 -0.21 -10.19 0.83
C PRO A 104 -0.45 -8.97 1.68
N LEU A 105 -0.75 -7.83 1.06
CA LEU A 105 -0.91 -6.55 1.75
C LEU A 105 -2.32 -6.03 1.57
N GLN A 106 -2.63 -4.94 2.26
CA GLN A 106 -3.95 -4.34 2.06
C GLN A 106 -3.87 -2.82 2.21
N VAL A 107 -4.77 -2.14 1.50
CA VAL A 107 -4.75 -0.68 1.49
C VAL A 107 -6.13 -0.14 1.77
N ARG A 108 -6.23 0.99 2.46
CA ARG A 108 -7.48 1.71 2.54
C ARG A 108 -7.20 3.21 2.53
N ALA A 109 -8.28 3.98 2.33
CA ALA A 109 -8.23 5.42 2.60
C ALA A 109 -8.86 5.68 3.96
N LEU A 110 -8.36 6.66 4.69
CA LEU A 110 -9.04 6.99 5.94
C LEU A 110 -8.84 8.49 6.14
N THR A 111 -9.80 9.08 6.83
CA THR A 111 -9.65 10.47 7.23
C THR A 111 -9.32 10.46 8.73
N VAL A 112 -8.04 10.68 9.03
CA VAL A 112 -7.62 10.60 10.42
C VAL A 112 -8.33 11.60 11.28
N ASN A 113 -8.52 12.82 10.76
CA ASN A 113 -9.12 13.86 11.60
C ASN A 113 -10.53 14.23 11.18
N GLY A 114 -11.05 13.62 10.12
CA GLY A 114 -12.37 13.96 9.62
C GLY A 114 -12.38 15.08 8.65
N GLY A 115 -13.52 15.22 7.98
CA GLY A 115 -13.71 16.35 7.08
C GLY A 115 -13.06 16.18 5.72
N ALA A 116 -13.05 14.98 5.15
CA ALA A 116 -12.48 14.84 3.81
C ALA A 116 -13.23 15.72 2.80
N THR A 117 -12.48 16.32 1.90
CA THR A 117 -13.11 17.19 0.90
C THR A 117 -13.10 16.59 -0.47
N GLN A 118 -13.95 17.14 -1.33
CA GLN A 118 -14.07 16.59 -2.69
C GLN A 118 -12.76 16.66 -3.45
N GLY A 119 -12.48 15.60 -4.21
CA GLY A 119 -11.33 15.65 -5.13
C GLY A 119 -10.77 14.23 -5.32
N THR A 120 -9.67 14.16 -6.07
CA THR A 120 -9.10 12.85 -6.40
C THR A 120 -8.34 12.28 -5.21
N ILE A 121 -8.24 10.94 -5.22
CA ILE A 121 -7.32 10.22 -4.34
C ILE A 121 -6.27 9.63 -5.26
N GLN A 122 -5.00 9.92 -5.02
CA GLN A 122 -3.93 9.38 -5.83
C GLN A 122 -2.71 9.24 -4.92
N ALA A 123 -2.04 8.08 -4.89
CA ALA A 123 -0.80 7.94 -4.14
C ALA A 123 0.03 6.81 -4.72
N VAL A 124 1.32 6.89 -4.54
CA VAL A 124 2.19 5.81 -5.01
C VAL A 124 3.18 5.42 -3.92
N ILE A 125 3.36 4.13 -3.75
CA ILE A 125 4.31 3.58 -2.75
C ILE A 125 5.31 2.74 -3.52
N SER A 126 6.58 3.07 -3.35
CA SER A 126 7.64 2.33 -3.98
C SER A 126 8.13 1.21 -3.07
N ILE A 127 8.46 0.05 -3.66
CA ILE A 127 9.01 -1.04 -2.91
C ILE A 127 10.36 -1.47 -3.48
N THR A 128 11.33 -1.60 -2.61
CA THR A 128 12.62 -2.15 -2.98
C THR A 128 12.83 -3.44 -2.21
N TYR A 129 13.32 -4.48 -2.89
CA TYR A 129 13.55 -5.76 -2.24
C TYR A 129 15.01 -6.04 -1.94
N THR A 130 15.24 -6.67 -0.79
CA THR A 130 16.56 -7.19 -0.45
C THR A 130 16.43 -8.67 -0.10
N TYR A 131 17.55 -9.34 -0.26
CA TYR A 131 17.48 -10.81 -0.25
C TYR A 131 18.47 -11.41 0.73
N SER A 132 18.08 -12.54 1.33
CA SER A 132 19.03 -13.27 2.17
C SER A 132 18.75 -14.77 2.18
N ALA B 1 10.85 1.44 -7.07
CA ALA B 1 12.01 0.80 -7.69
C ALA B 1 11.64 -0.54 -8.28
N ASP B 2 11.55 -1.55 -7.41
CA ASP B 2 11.27 -2.86 -7.99
C ASP B 2 9.77 -3.06 -8.27
N SER B 3 8.96 -2.54 -7.36
CA SER B 3 7.51 -2.60 -7.49
C SER B 3 6.93 -1.23 -7.14
N THR B 4 5.77 -0.95 -7.68
CA THR B 4 5.05 0.29 -7.35
C THR B 4 3.59 -0.04 -7.07
N ILE B 5 3.09 0.37 -5.91
CA ILE B 5 1.64 0.26 -5.62
C ILE B 5 1.01 1.62 -5.93
N THR B 6 0.06 1.67 -6.82
CA THR B 6 -0.64 2.88 -7.21
C THR B 6 -2.01 2.79 -6.54
N ILE B 7 -2.41 3.86 -5.88
CA ILE B 7 -3.72 3.92 -5.20
C ILE B 7 -4.54 5.01 -5.84
N ARG B 8 -5.80 4.74 -6.20
CA ARG B 8 -6.60 5.75 -6.91
C ARG B 8 -8.04 5.68 -6.42
N GLY B 9 -8.72 6.80 -6.40
CA GLY B 9 -10.14 6.85 -6.07
C GLY B 9 -10.61 8.29 -6.18
N TYR B 10 -11.78 8.56 -5.62
CA TYR B 10 -12.33 9.89 -5.65
C TYR B 10 -13.18 10.15 -4.43
N VAL B 11 -13.13 11.34 -3.87
CA VAL B 11 -14.06 11.76 -2.78
C VAL B 11 -15.07 12.69 -3.42
N ARG B 12 -16.33 12.27 -3.39
CA ARG B 12 -17.41 13.03 -4.01
C ARG B 12 -18.17 13.83 -2.97
N ASP B 13 -18.54 15.07 -3.27
CA ASP B 13 -19.36 15.86 -2.33
C ASP B 13 -20.55 16.43 -3.13
N ASN B 14 -21.71 15.86 -2.88
CA ASN B 14 -22.91 16.23 -3.61
C ASN B 14 -23.74 17.22 -2.80
N ARG B 15 -23.16 17.97 -1.85
CA ARG B 15 -23.88 18.98 -1.05
C ARG B 15 -23.72 20.40 -1.57
CO CO C . -13.75 -1.07 -3.12
#